data_1RKH
#
_entry.id   1RKH
#
_cell.length_a   154.800
_cell.length_b   42.291
_cell.length_c   41.788
_cell.angle_alpha   90.00
_cell.angle_beta   96.15
_cell.angle_gamma   90.00
#
_symmetry.space_group_name_H-M   'C 1 2 1'
#
loop_
_entity.id
_entity.type
_entity.pdbx_description
1 polymer 'Vitamin D3 receptor'
2 polymer 'Peroxisome proliferator-activated receptor binding protein'
3 non-polymer 5-{2-[1-(5-HYDROXY-1,5-DIMETHYL-HEXYL)-7A-METHYL-OCTAHYDRO-INDEN-4-YLIDENE]-ETHYLIDENE}-2-METHYL-CYCLOHEXANE-1,3-DIOL
4 water water
#
loop_
_entity_poly.entity_id
_entity_poly.type
_entity_poly.pdbx_seq_one_letter_code
_entity_poly.pdbx_strand_id
1 'polypeptide(L)'
;LKDSLRPKLSEEQQHIIAILLDAHHKTYDPTYADFRDFRPPVRMDGSTGSVTLDLSPLSMLPHLADLVSYSIQKVIGFAK
MIPGFRDLTSDDQIVLLKSSAIEVIMLRSNQSFTMDDMSWDCGSQDYKYDVTDVSKAGHTLELIEPLIKFQVGLKKLNLH
EEEHVLLMAICIVSPDRPGVQDAKLVEAIQDRLSNTLQTYIRCRHPPPGSHQLYAKMIQKLADLRSLNEEHSKQYRSLSF
QPENSMKLTPLVLEVFGNEISLVPRGSMAISDPNSSSVDKLAAALEHHHHHH
;
A
2 'polypeptide(L)' KNHPMLMNLLKDN C
#
loop_
_chem_comp.id
_chem_comp.type
_chem_comp.name
_chem_comp.formula
VD2 non-polymer 5-{2-[1-(5-HYDROXY-1,5-DIMETHYL-HEXYL)-7A-METHYL-OCTAHYDRO-INDEN-4-YLIDENE]-ETHYLIDENE}-2-METHYL-CYCLOHEXANE-1,3-DIOL 'C27 H46 O3'
#
# COMPACT_ATOMS: atom_id res chain seq x y z
N LYS A 8 27.98 -2.14 11.21
CA LYS A 8 27.65 -2.28 9.75
C LYS A 8 26.57 -3.35 9.45
N LEU A 9 26.07 -3.32 8.22
CA LEU A 9 25.01 -4.25 7.77
C LEU A 9 25.57 -5.64 7.49
N SER A 10 24.96 -6.67 8.08
CA SER A 10 25.37 -8.06 7.82
C SER A 10 25.13 -8.44 6.34
N GLU A 11 25.55 -9.62 5.91
CA GLU A 11 25.32 -10.01 4.52
C GLU A 11 23.84 -10.38 4.25
N GLU A 12 23.19 -11.01 5.23
CA GLU A 12 21.78 -11.31 5.16
C GLU A 12 20.96 -10.01 5.00
N GLN A 13 21.30 -9.00 5.80
CA GLN A 13 20.60 -7.72 5.75
C GLN A 13 20.79 -7.06 4.39
N GLN A 14 21.98 -7.14 3.80
CA GLN A 14 22.22 -6.56 2.48
C GLN A 14 21.44 -7.30 1.41
N HIS A 15 21.36 -8.61 1.61
CA HIS A 15 20.62 -9.53 0.78
C HIS A 15 19.14 -9.15 0.74
N ILE A 16 18.55 -9.02 1.93
CA ILE A 16 17.14 -8.65 2.12
C ILE A 16 16.84 -7.32 1.41
N ILE A 17 17.75 -6.35 1.56
CA ILE A 17 17.61 -5.03 0.92
C ILE A 17 17.63 -5.16 -0.57
N ALA A 18 18.64 -5.86 -1.09
CA ALA A 18 18.72 -6.13 -2.54
C ALA A 18 17.45 -6.84 -3.06
N ILE A 19 16.93 -7.82 -2.32
CA ILE A 19 15.69 -8.52 -2.75
C ILE A 19 14.46 -7.57 -2.83
N LEU A 20 14.33 -6.71 -1.82
CA LEU A 20 13.14 -5.83 -1.71
C LEU A 20 13.20 -4.72 -2.75
N LEU A 21 14.39 -4.16 -2.98
CA LEU A 21 14.60 -3.21 -4.07
C LEU A 21 14.23 -3.77 -5.40
N ASP A 22 14.73 -4.96 -5.71
CA ASP A 22 14.38 -5.61 -6.98
C ASP A 22 12.86 -5.91 -7.05
N ALA A 23 12.30 -6.46 -5.97
CA ALA A 23 10.87 -6.78 -5.92
C ALA A 23 10.00 -5.52 -6.21
N HIS A 24 10.41 -4.38 -5.66
CA HIS A 24 9.71 -3.12 -5.93
C HIS A 24 9.89 -2.66 -7.38
N HIS A 25 11.13 -2.70 -7.89
CA HIS A 25 11.39 -2.34 -9.28
C HIS A 25 10.53 -3.16 -10.25
N LYS A 26 10.32 -4.44 -9.91
CA LYS A 26 9.55 -5.35 -10.78
C LYS A 26 8.04 -5.19 -10.67
N THR A 27 7.59 -4.54 -9.59
CA THR A 27 6.15 -4.32 -9.36
C THR A 27 5.73 -2.85 -9.35
N TYR A 28 6.67 -1.92 -9.44
CA TYR A 28 6.31 -0.51 -9.56
C TYR A 28 6.95 0.11 -10.79
N ASP A 29 6.12 0.34 -11.81
CA ASP A 29 6.51 0.92 -13.07
C ASP A 29 6.37 2.44 -12.99
N PRO A 30 7.50 3.17 -12.91
CA PRO A 30 7.45 4.63 -12.68
C PRO A 30 7.02 5.43 -13.93
N THR A 31 6.86 4.76 -15.09
CA THR A 31 6.27 5.43 -16.26
C THR A 31 4.76 5.29 -16.29
N TYR A 32 4.21 4.41 -15.44
CA TYR A 32 2.75 4.26 -15.31
C TYR A 32 2.08 3.86 -16.60
N ALA A 33 2.83 3.14 -17.45
CA ALA A 33 2.42 2.84 -18.81
C ALA A 33 1.15 2.01 -18.87
N ASP A 34 0.89 1.21 -17.83
CA ASP A 34 -0.30 0.34 -17.79
C ASP A 34 -1.57 1.12 -17.55
N PHE A 35 -1.47 2.40 -17.15
CA PHE A 35 -2.67 3.20 -16.87
C PHE A 35 -3.62 3.35 -18.09
N ARG A 36 -3.08 3.12 -19.30
CA ARG A 36 -3.85 3.11 -20.55
C ARG A 36 -4.94 2.04 -20.59
N ASP A 37 -4.73 0.94 -19.87
CA ASP A 37 -5.70 -0.15 -19.86
C ASP A 37 -6.88 0.07 -18.92
N PHE A 38 -6.81 1.08 -18.07
CA PHE A 38 -7.88 1.33 -17.10
C PHE A 38 -9.06 2.01 -17.78
N ARG A 39 -10.26 1.80 -17.24
CA ARG A 39 -11.39 2.62 -17.64
C ARG A 39 -10.99 4.09 -17.49
N PRO A 40 -11.31 4.91 -18.50
CA PRO A 40 -10.81 6.29 -18.52
C PRO A 40 -11.36 7.10 -17.34
N PRO A 41 -10.57 8.09 -16.89
CA PRO A 41 -11.06 9.05 -15.91
C PRO A 41 -12.04 10.01 -16.55
N VAL A 42 -13.15 10.29 -15.85
CA VAL A 42 -14.07 11.37 -16.22
C VAL A 42 -14.15 12.38 -15.08
N ARG A 43 -13.89 13.64 -15.41
CA ARG A 43 -14.03 14.79 -14.52
C ARG A 43 -14.96 15.72 -15.27
N MET A 44 -16.08 16.09 -14.66
CA MET A 44 -17.17 16.76 -15.42
C MET A 44 -16.87 18.23 -15.83
N SER A 56 -22.05 12.91 -6.48
CA SER A 56 -22.52 13.19 -7.83
C SER A 56 -22.77 11.92 -8.62
N PRO A 57 -22.35 11.91 -9.89
CA PRO A 57 -22.26 10.67 -10.66
C PRO A 57 -21.22 9.70 -10.07
N LEU A 58 -20.20 10.23 -9.36
CA LEU A 58 -19.01 9.45 -8.93
C LEU A 58 -18.22 9.03 -10.16
N SER A 59 -17.88 10.03 -10.93
CA SER A 59 -17.32 9.86 -12.26
C SER A 59 -15.88 9.31 -12.29
N MET A 60 -15.20 9.36 -11.15
CA MET A 60 -13.82 8.91 -11.04
C MET A 60 -13.76 7.48 -10.45
N LEU A 61 -14.90 6.93 -10.04
CA LEU A 61 -14.92 5.56 -9.50
C LEU A 61 -14.47 4.38 -10.44
N PRO A 62 -14.90 4.31 -11.71
CA PRO A 62 -14.36 3.26 -12.62
C PRO A 62 -12.85 3.39 -12.85
N HIS A 63 -12.32 4.58 -13.12
CA HIS A 63 -10.88 4.76 -13.27
C HIS A 63 -10.07 4.41 -12.04
N LEU A 64 -10.46 4.95 -10.89
CA LEU A 64 -9.75 4.70 -9.64
C LEU A 64 -9.92 3.28 -9.07
N ALA A 65 -11.11 2.69 -9.25
CA ALA A 65 -11.33 1.28 -8.97
C ALA A 65 -10.32 0.37 -9.71
N ASP A 66 -10.12 0.63 -11.00
CA ASP A 66 -9.12 -0.09 -11.80
C ASP A 66 -7.68 0.20 -11.34
N LEU A 67 -7.41 1.47 -11.01
CA LEU A 67 -6.14 1.83 -10.48
C LEU A 67 -5.79 1.08 -9.18
N VAL A 68 -6.73 1.03 -8.24
CA VAL A 68 -6.54 0.28 -6.98
C VAL A 68 -6.44 -1.24 -7.21
N SER A 69 -7.27 -1.73 -8.12
CA SER A 69 -7.29 -3.14 -8.46
C SER A 69 -5.95 -3.63 -9.04
N TYR A 70 -5.47 -2.90 -10.06
CA TYR A 70 -4.12 -3.04 -10.57
C TYR A 70 -3.08 -2.97 -9.45
N SER A 71 -3.20 -1.99 -8.57
CA SER A 71 -2.25 -1.80 -7.46
C SER A 71 -2.25 -2.94 -6.46
N ILE A 72 -3.41 -3.56 -6.24
CA ILE A 72 -3.47 -4.76 -5.39
C ILE A 72 -2.64 -5.91 -5.97
N GLN A 73 -2.78 -6.12 -7.27
CA GLN A 73 -2.04 -7.16 -7.95
C GLN A 73 -0.53 -6.94 -7.77
N LYS A 74 -0.09 -5.69 -7.88
CA LYS A 74 1.31 -5.33 -7.74
C LYS A 74 1.78 -5.49 -6.31
N VAL A 75 0.92 -5.08 -5.36
CA VAL A 75 1.21 -5.25 -3.95
C VAL A 75 1.44 -6.75 -3.63
N ILE A 76 0.59 -7.62 -4.19
CA ILE A 76 0.72 -9.09 -4.02
C ILE A 76 2.04 -9.62 -4.59
N GLY A 77 2.37 -9.18 -5.81
CA GLY A 77 3.61 -9.49 -6.50
C GLY A 77 4.85 -9.13 -5.65
N PHE A 78 4.80 -7.96 -5.01
CA PHE A 78 5.87 -7.51 -4.11
C PHE A 78 5.93 -8.33 -2.84
N ALA A 79 4.75 -8.58 -2.26
CA ALA A 79 4.61 -9.33 -1.03
C ALA A 79 5.20 -10.77 -1.14
N LYS A 80 5.02 -11.42 -2.29
CA LYS A 80 5.49 -12.80 -2.47
C LYS A 80 7.01 -12.93 -2.40
N MET A 81 7.69 -11.84 -2.77
CA MET A 81 9.14 -11.76 -2.79
C MET A 81 9.77 -11.31 -1.45
N ILE A 82 8.98 -10.88 -0.47
CA ILE A 82 9.52 -10.60 0.87
C ILE A 82 10.19 -11.85 1.49
N PRO A 83 11.49 -11.78 1.80
CA PRO A 83 12.17 -12.90 2.46
C PRO A 83 11.41 -13.39 3.70
N GLY A 84 11.04 -14.67 3.70
CA GLY A 84 10.34 -15.31 4.81
C GLY A 84 8.85 -15.45 4.56
N PHE A 85 8.29 -14.62 3.67
CA PHE A 85 6.85 -14.57 3.39
C PHE A 85 6.28 -15.91 2.89
N ARG A 86 7.06 -16.57 2.04
CA ARG A 86 6.79 -17.89 1.51
C ARG A 86 6.73 -19.05 2.56
N ASP A 87 7.30 -18.84 3.74
CA ASP A 87 7.28 -19.84 4.82
C ASP A 87 5.99 -19.80 5.66
N LEU A 88 5.16 -18.80 5.38
CA LEU A 88 3.85 -18.68 6.01
C LEU A 88 2.83 -19.59 5.33
N THR A 89 1.76 -19.97 6.02
CA THR A 89 0.67 -20.69 5.35
C THR A 89 -0.01 -19.76 4.36
N SER A 90 -0.67 -20.36 3.39
CA SER A 90 -1.40 -19.58 2.43
C SER A 90 -2.57 -18.78 3.09
N ASP A 91 -3.20 -19.35 4.12
CA ASP A 91 -4.22 -18.63 4.90
C ASP A 91 -3.72 -17.32 5.52
N ASP A 92 -2.57 -17.39 6.18
CA ASP A 92 -1.93 -16.24 6.81
C ASP A 92 -1.43 -15.24 5.74
N GLN A 93 -0.88 -15.75 4.64
CA GLN A 93 -0.56 -14.92 3.48
C GLN A 93 -1.80 -14.12 3.09
N ILE A 94 -2.95 -14.80 3.08
CA ILE A 94 -4.23 -14.18 2.72
C ILE A 94 -4.69 -13.08 3.67
N VAL A 95 -4.59 -13.36 4.97
CA VAL A 95 -4.98 -12.44 6.04
C VAL A 95 -4.13 -11.16 5.98
N LEU A 96 -2.81 -11.36 5.89
CA LEU A 96 -1.85 -10.27 5.81
C LEU A 96 -2.11 -9.40 4.60
N LEU A 97 -2.40 -10.00 3.46
CA LEU A 97 -2.65 -9.23 2.26
C LEU A 97 -3.97 -8.48 2.25
N LYS A 98 -5.02 -9.17 2.70
CA LYS A 98 -6.36 -8.59 2.80
C LYS A 98 -6.37 -7.33 3.70
N SER A 99 -5.75 -7.42 4.88
CA SER A 99 -5.72 -6.26 5.78
C SER A 99 -4.71 -5.19 5.40
N SER A 100 -3.62 -5.54 4.73
CA SER A 100 -2.58 -4.53 4.47
C SER A 100 -2.65 -3.82 3.13
N ALA A 101 -3.33 -4.42 2.15
CA ALA A 101 -3.30 -3.98 0.77
C ALA A 101 -3.59 -2.48 0.60
N ILE A 102 -4.70 -1.99 1.19
CA ILE A 102 -5.01 -0.57 1.14
C ILE A 102 -3.87 0.30 1.73
N GLU A 103 -3.30 -0.15 2.85
CA GLU A 103 -2.17 0.55 3.47
C GLU A 103 -0.93 0.62 2.60
N VAL A 104 -0.53 -0.49 1.98
CA VAL A 104 0.64 -0.49 1.09
C VAL A 104 0.38 0.30 -0.18
N ILE A 105 -0.89 0.40 -0.61
CA ILE A 105 -1.22 1.19 -1.80
C ILE A 105 -1.03 2.68 -1.47
N MET A 106 -1.48 3.07 -0.28
CA MET A 106 -1.29 4.44 0.18
C MET A 106 0.18 4.78 0.37
N LEU A 107 0.91 3.83 0.95
CA LEU A 107 2.35 3.99 1.12
C LEU A 107 3.10 4.05 -0.24
N ARG A 108 2.92 3.02 -1.06
CA ARG A 108 3.59 3.02 -2.34
C ARG A 108 3.21 4.23 -3.24
N SER A 109 2.01 4.77 -3.05
CA SER A 109 1.52 5.92 -3.83
C SER A 109 2.33 7.20 -3.55
N ASN A 110 3.02 7.23 -2.41
CA ASN A 110 3.91 8.33 -2.08
C ASN A 110 4.94 8.60 -3.20
N GLN A 111 5.27 7.59 -4.00
CA GLN A 111 6.26 7.78 -5.05
C GLN A 111 5.73 8.73 -6.11
N SER A 112 4.43 8.65 -6.40
CA SER A 112 3.82 9.55 -7.36
C SER A 112 3.36 10.86 -6.74
N PHE A 113 3.16 10.87 -5.43
CA PHE A 113 2.69 12.07 -4.73
C PHE A 113 3.68 13.23 -4.85
N THR A 114 3.15 14.44 -5.03
CA THR A 114 4.00 15.65 -5.09
C THR A 114 3.43 16.79 -4.24
N MET A 115 4.32 17.46 -3.52
CA MET A 115 3.88 18.56 -2.66
C MET A 115 3.70 19.88 -3.42
N ASP A 116 4.24 19.99 -4.65
CA ASP A 116 3.97 21.17 -5.49
C ASP A 116 2.49 21.55 -5.37
N ASP A 117 1.58 20.60 -5.65
CA ASP A 117 0.13 20.87 -5.56
C ASP A 117 -0.72 19.83 -4.81
N MET A 118 -0.10 19.06 -3.92
CA MET A 118 -0.84 18.13 -3.06
C MET A 118 -1.63 17.08 -3.86
N SER A 119 -0.97 16.50 -4.86
CA SER A 119 -1.61 15.59 -5.79
C SER A 119 -0.71 14.42 -6.13
N TRP A 120 -1.29 13.38 -6.72
CA TRP A 120 -0.54 12.21 -7.19
C TRP A 120 -0.36 12.34 -8.68
N ASP A 121 0.88 12.45 -9.12
CA ASP A 121 1.17 12.81 -10.49
C ASP A 121 1.73 11.61 -11.22
N CYS A 122 0.88 10.96 -12.03
CA CYS A 122 1.26 9.74 -12.73
C CYS A 122 1.55 9.95 -14.21
N GLY A 123 2.28 11.02 -14.54
CA GLY A 123 2.85 11.19 -15.86
C GLY A 123 2.17 12.23 -16.73
N SER A 124 0.89 12.48 -16.51
CA SER A 124 0.13 13.31 -17.43
C SER A 124 -1.07 13.95 -16.73
N GLN A 125 -1.73 14.88 -17.42
CA GLN A 125 -2.87 15.53 -16.80
C GLN A 125 -4.04 14.56 -16.54
N ASP A 126 -4.24 13.58 -17.44
CA ASP A 126 -5.34 12.61 -17.27
C ASP A 126 -5.16 11.83 -15.95
N TYR A 127 -3.90 11.48 -15.71
CA TYR A 127 -3.48 10.62 -14.59
C TYR A 127 -2.80 11.42 -13.48
N LYS A 128 -3.43 12.55 -13.13
CA LYS A 128 -3.03 13.37 -12.01
C LYS A 128 -4.22 13.44 -11.10
N TYR A 129 -4.10 12.99 -9.87
CA TYR A 129 -5.29 12.84 -9.05
C TYR A 129 -5.20 13.74 -7.85
N ASP A 130 -6.19 14.60 -7.71
CA ASP A 130 -6.21 15.58 -6.61
C ASP A 130 -7.29 15.25 -5.61
N VAL A 131 -7.49 16.13 -4.65
CA VAL A 131 -8.45 15.88 -3.60
C VAL A 131 -9.86 15.63 -4.16
N THR A 132 -10.21 16.33 -5.22
CA THR A 132 -11.56 16.29 -5.77
C THR A 132 -11.80 15.05 -6.66
N ASP A 133 -10.77 14.57 -7.36
CA ASP A 133 -10.82 13.27 -8.02
C ASP A 133 -11.14 12.12 -7.06
N VAL A 134 -10.49 12.11 -5.91
CA VAL A 134 -10.77 11.11 -4.90
C VAL A 134 -12.20 11.25 -4.34
N SER A 135 -12.67 12.49 -4.16
CA SER A 135 -14.07 12.77 -3.80
C SER A 135 -15.01 12.13 -4.82
N LYS A 136 -14.70 12.34 -6.10
CA LYS A 136 -15.48 11.80 -7.21
C LYS A 136 -15.32 10.27 -7.36
N ALA A 137 -14.73 9.62 -6.35
CA ALA A 137 -14.80 8.14 -6.24
C ALA A 137 -15.60 7.65 -5.05
N GLY A 138 -16.30 8.54 -4.36
CA GLY A 138 -17.16 8.13 -3.27
C GLY A 138 -16.60 8.32 -1.88
N HIS A 139 -15.51 9.09 -1.78
CA HIS A 139 -14.85 9.27 -0.47
C HIS A 139 -14.95 10.70 0.02
N THR A 140 -14.90 10.86 1.34
CA THR A 140 -15.02 12.20 1.96
C THR A 140 -13.71 12.71 2.56
N LEU A 141 -13.69 13.99 2.95
CA LEU A 141 -12.53 14.60 3.58
C LEU A 141 -12.13 13.90 4.87
N GLU A 142 -13.06 13.17 5.46
CA GLU A 142 -12.78 12.38 6.67
C GLU A 142 -11.65 11.37 6.46
N LEU A 143 -11.57 10.85 5.24
CA LEU A 143 -10.41 10.09 4.75
C LEU A 143 -9.40 10.96 4.00
N ILE A 144 -9.87 11.80 3.08
CA ILE A 144 -8.93 12.45 2.16
C ILE A 144 -7.92 13.41 2.82
N GLU A 145 -8.36 14.13 3.85
CA GLU A 145 -7.53 15.09 4.57
C GLU A 145 -6.39 14.40 5.37
N PRO A 146 -6.70 13.40 6.20
CA PRO A 146 -5.64 12.61 6.83
C PRO A 146 -4.78 11.85 5.81
N LEU A 147 -5.38 11.38 4.72
CA LEU A 147 -4.61 10.74 3.69
C LEU A 147 -3.54 11.69 3.13
N ILE A 148 -3.96 12.91 2.76
CA ILE A 148 -3.03 13.93 2.22
C ILE A 148 -1.98 14.28 3.25
N LYS A 149 -2.42 14.49 4.49
CA LYS A 149 -1.49 14.77 5.59
C LYS A 149 -0.44 13.65 5.75
N PHE A 150 -0.89 12.38 5.72
CA PHE A 150 0.01 11.24 5.70
C PHE A 150 1.06 11.41 4.60
N GLN A 151 0.57 11.63 3.37
CA GLN A 151 1.43 11.76 2.19
C GLN A 151 2.48 12.82 2.40
N VAL A 152 2.10 13.90 3.06
CA VAL A 152 3.03 15.00 3.31
C VAL A 152 4.07 14.62 4.38
N GLY A 153 3.59 14.09 5.51
CA GLY A 153 4.49 13.68 6.56
C GLY A 153 5.46 12.65 6.04
N LEU A 154 4.97 11.71 5.21
CA LEU A 154 5.84 10.69 4.63
C LEU A 154 6.90 11.28 3.65
N LYS A 155 6.46 12.14 2.73
CA LYS A 155 7.37 12.89 1.84
C LYS A 155 8.54 13.52 2.60
N LYS A 156 8.18 14.20 3.69
CA LYS A 156 9.12 14.97 4.51
C LYS A 156 10.15 14.17 5.25
N LEU A 157 9.97 12.86 5.34
CA LEU A 157 10.99 11.98 5.88
C LEU A 157 12.12 11.81 4.84
N ASN A 158 11.82 12.10 3.58
CA ASN A 158 12.78 11.92 2.49
C ASN A 158 13.46 10.55 2.57
N LEU A 159 12.67 9.48 2.61
CA LEU A 159 13.18 8.13 2.76
C LEU A 159 14.07 7.73 1.60
N HIS A 160 15.13 6.99 1.91
CA HIS A 160 15.90 6.31 0.88
C HIS A 160 14.98 5.26 0.25
N GLU A 161 15.19 4.96 -1.04
CA GLU A 161 14.38 3.91 -1.60
C GLU A 161 14.45 2.62 -0.74
N GLU A 162 15.58 2.37 -0.09
CA GLU A 162 15.81 1.15 0.73
C GLU A 162 14.89 1.10 1.96
N GLU A 163 14.63 2.26 2.55
CA GLU A 163 13.78 2.38 3.71
C GLU A 163 12.30 2.25 3.35
N HIS A 164 11.97 2.85 2.24
CA HIS A 164 10.64 2.75 1.67
C HIS A 164 10.20 1.29 1.46
N VAL A 165 11.09 0.51 0.85
CA VAL A 165 10.73 -0.84 0.50
C VAL A 165 10.69 -1.70 1.77
N LEU A 166 11.54 -1.36 2.72
CA LEU A 166 11.51 -2.06 4.00
C LEU A 166 10.21 -1.77 4.73
N LEU A 167 9.77 -0.51 4.68
CA LEU A 167 8.54 -0.10 5.33
C LEU A 167 7.34 -0.81 4.75
N MET A 168 7.28 -0.93 3.42
CA MET A 168 6.14 -1.62 2.82
C MET A 168 6.11 -3.08 3.25
N ALA A 169 7.28 -3.67 3.41
CA ALA A 169 7.42 -5.07 3.79
C ALA A 169 6.96 -5.27 5.25
N ILE A 170 7.44 -4.40 6.15
CA ILE A 170 7.12 -4.46 7.55
C ILE A 170 5.61 -4.25 7.72
N CYS A 171 5.06 -3.36 6.91
CA CYS A 171 3.61 -3.16 6.89
C CYS A 171 2.81 -4.43 6.55
N ILE A 172 3.28 -5.19 5.56
CA ILE A 172 2.61 -6.40 5.13
C ILE A 172 2.72 -7.50 6.22
N VAL A 173 3.89 -7.64 6.81
CA VAL A 173 4.15 -8.76 7.72
C VAL A 173 3.95 -8.28 9.12
N SER A 174 2.69 -7.99 9.49
CA SER A 174 2.39 -7.41 10.79
C SER A 174 1.58 -8.44 11.61
N PRO A 175 2.14 -8.93 12.74
CA PRO A 175 1.54 -10.06 13.49
C PRO A 175 0.18 -9.79 14.14
N ASP A 176 -0.16 -8.54 14.36
CA ASP A 176 -1.38 -8.19 15.08
C ASP A 176 -2.61 -8.10 14.19
N ARG A 177 -2.43 -8.40 12.90
CA ARG A 177 -3.53 -8.32 11.95
C ARG A 177 -4.63 -9.28 12.40
N PRO A 178 -5.90 -8.89 12.30
CA PRO A 178 -7.00 -9.78 12.72
C PRO A 178 -7.01 -11.02 11.86
N GLY A 179 -7.04 -12.17 12.50
CA GLY A 179 -7.16 -13.42 11.77
C GLY A 179 -5.87 -14.21 11.70
N VAL A 180 -4.77 -13.62 12.19
CA VAL A 180 -3.47 -14.27 12.06
C VAL A 180 -3.43 -15.48 12.99
N GLN A 181 -2.92 -16.59 12.45
CA GLN A 181 -2.75 -17.85 13.15
C GLN A 181 -1.38 -17.98 13.81
N ASP A 182 -0.35 -18.16 12.98
CA ASP A 182 1.03 -18.26 13.46
C ASP A 182 1.66 -16.88 13.64
N ALA A 183 1.14 -16.15 14.62
CA ALA A 183 1.66 -14.85 15.02
C ALA A 183 3.16 -14.84 15.32
N LYS A 184 3.68 -15.93 15.91
CA LYS A 184 5.08 -15.98 16.32
C LYS A 184 5.95 -15.94 15.07
N LEU A 185 5.57 -16.75 14.09
CA LEU A 185 6.32 -16.80 12.84
C LEU A 185 6.23 -15.48 12.06
N VAL A 186 5.06 -14.87 12.01
CA VAL A 186 4.93 -13.54 11.39
C VAL A 186 5.78 -12.50 12.13
N GLU A 187 5.85 -12.59 13.46
CA GLU A 187 6.64 -11.65 14.26
C GLU A 187 8.12 -11.79 14.00
N ALA A 188 8.57 -13.05 13.93
CA ALA A 188 9.95 -13.33 13.63
C ALA A 188 10.32 -12.79 12.25
N ILE A 189 9.42 -12.91 11.29
CA ILE A 189 9.69 -12.42 9.95
C ILE A 189 9.77 -10.88 9.97
N GLN A 190 8.87 -10.24 10.70
CA GLN A 190 8.88 -8.81 10.84
C GLN A 190 10.12 -8.27 11.54
N ASP A 191 10.47 -8.86 12.68
CA ASP A 191 11.66 -8.48 13.47
C ASP A 191 12.93 -8.47 12.61
N ARG A 192 13.11 -9.51 11.81
CA ARG A 192 14.24 -9.57 10.88
C ARG A 192 14.27 -8.35 9.91
N LEU A 193 13.10 -7.94 9.40
CA LEU A 193 13.00 -6.74 8.53
C LEU A 193 13.19 -5.47 9.35
N SER A 194 12.56 -5.42 10.51
CA SER A 194 12.68 -4.33 11.47
C SER A 194 14.14 -4.00 11.84
N ASN A 195 14.88 -5.04 12.20
CA ASN A 195 16.31 -5.00 12.51
C ASN A 195 17.16 -4.61 11.33
N THR A 196 16.73 -5.01 10.14
CA THR A 196 17.40 -4.56 8.92
C THR A 196 17.16 -3.06 8.70
N LEU A 197 15.95 -2.61 9.00
CA LEU A 197 15.67 -1.18 8.90
C LEU A 197 16.52 -0.38 9.90
N GLN A 198 16.52 -0.80 11.16
CA GLN A 198 17.22 -0.03 12.20
C GLN A 198 18.70 0.05 11.88
N THR A 199 19.27 -1.08 11.49
CA THR A 199 20.68 -1.16 11.10
C THR A 199 20.97 -0.32 9.84
N TYR A 200 20.08 -0.35 8.84
CA TYR A 200 20.25 0.47 7.64
C TYR A 200 20.28 1.95 8.02
N ILE A 201 19.36 2.36 8.89
CA ILE A 201 19.32 3.75 9.36
C ILE A 201 20.64 4.18 10.04
N ARG A 202 21.13 3.37 10.98
CA ARG A 202 22.38 3.66 11.71
C ARG A 202 23.63 3.66 10.83
N CYS A 203 23.65 2.83 9.79
CA CYS A 203 24.85 2.64 8.97
C CYS A 203 24.89 3.46 7.70
N ARG A 204 23.72 3.81 7.16
CA ARG A 204 23.67 4.38 5.83
C ARG A 204 22.82 5.64 5.75
N HIS A 205 22.11 5.97 6.83
CA HIS A 205 21.40 7.25 6.82
C HIS A 205 22.11 8.27 7.70
N PRO A 206 22.76 9.26 7.09
CA PRO A 206 23.51 10.27 7.87
C PRO A 206 22.60 11.20 8.71
N PRO A 207 23.05 11.59 9.91
CA PRO A 207 22.48 12.74 10.61
C PRO A 207 22.59 14.03 9.75
N PRO A 208 21.66 14.99 9.84
CA PRO A 208 20.53 14.97 10.79
C PRO A 208 19.31 14.17 10.31
N GLY A 209 19.24 13.86 9.02
CA GLY A 209 18.05 13.27 8.44
C GLY A 209 17.60 11.99 9.14
N SER A 210 18.54 11.32 9.80
CA SER A 210 18.27 10.06 10.47
C SER A 210 17.73 10.23 11.87
N HIS A 211 17.43 11.47 12.27
CA HIS A 211 17.03 11.73 13.65
C HIS A 211 15.65 11.14 13.96
N GLN A 212 15.62 10.22 14.92
CA GLN A 212 14.43 9.47 15.33
C GLN A 212 13.65 8.96 14.12
N LEU A 213 14.37 8.56 13.08
CA LEU A 213 13.77 8.20 11.82
C LEU A 213 12.95 6.90 11.91
N TYR A 214 13.50 5.89 12.58
CA TYR A 214 12.77 4.63 12.79
C TYR A 214 11.41 4.87 13.44
N ALA A 215 11.42 5.63 14.52
CA ALA A 215 10.24 5.90 15.31
C ALA A 215 9.26 6.69 14.45
N LYS A 216 9.76 7.61 13.61
CA LYS A 216 8.85 8.36 12.75
C LYS A 216 8.24 7.44 11.67
N MET A 217 9.00 6.45 11.21
CA MET A 217 8.47 5.43 10.29
C MET A 217 7.44 4.48 10.93
N ILE A 218 7.67 4.10 12.19
CA ILE A 218 6.73 3.21 12.89
C ILE A 218 5.45 4.00 13.09
N GLN A 219 5.60 5.30 13.36
CA GLN A 219 4.44 6.15 13.55
C GLN A 219 3.58 6.19 12.29
N LYS A 220 4.24 6.23 11.11
CA LYS A 220 3.51 6.22 9.85
C LYS A 220 2.69 4.94 9.67
N LEU A 221 3.21 3.81 10.10
CA LEU A 221 2.40 2.59 10.19
C LEU A 221 1.16 2.70 11.11
N ALA A 222 1.28 3.44 12.22
CA ALA A 222 0.12 3.76 13.05
C ALA A 222 -0.86 4.65 12.30
N ASP A 223 -0.35 5.68 11.60
CA ASP A 223 -1.24 6.49 10.76
C ASP A 223 -2.00 5.59 9.79
N LEU A 224 -1.29 4.66 9.15
CA LEU A 224 -1.95 3.75 8.17
C LEU A 224 -3.11 2.91 8.75
N ARG A 225 -3.01 2.53 10.03
CA ARG A 225 -4.07 1.75 10.66
C ARG A 225 -5.35 2.55 10.69
N SER A 226 -5.28 3.85 11.04
CA SER A 226 -6.46 4.77 11.03
C SER A 226 -6.97 5.01 9.66
N LEU A 227 -6.07 5.24 8.70
CA LEU A 227 -6.46 5.39 7.31
C LEU A 227 -7.20 4.14 6.85
N ASN A 228 -6.65 2.98 7.21
CA ASN A 228 -7.24 1.69 6.85
C ASN A 228 -8.69 1.60 7.38
N GLU A 229 -8.88 1.83 8.67
CA GLU A 229 -10.20 1.86 9.31
C GLU A 229 -11.17 2.82 8.64
N GLU A 230 -10.74 4.06 8.45
CA GLU A 230 -11.58 5.00 7.77
C GLU A 230 -11.89 4.55 6.35
N HIS A 231 -10.88 4.09 5.60
CA HIS A 231 -11.17 3.58 4.25
C HIS A 231 -12.21 2.46 4.27
N SER A 232 -12.11 1.56 5.25
CA SER A 232 -13.05 0.44 5.40
C SER A 232 -14.50 0.85 5.58
N LYS A 233 -14.74 1.81 6.49
CA LYS A 233 -16.05 2.45 6.70
C LYS A 233 -16.62 3.06 5.43
N GLN A 234 -15.84 3.89 4.74
CA GLN A 234 -16.34 4.55 3.53
C GLN A 234 -16.54 3.58 2.37
N TYR A 235 -15.62 2.64 2.19
CA TYR A 235 -15.77 1.53 1.24
C TYR A 235 -17.02 0.66 1.52
N ARG A 236 -17.24 0.31 2.78
CA ARG A 236 -18.43 -0.44 3.23
C ARG A 236 -19.70 0.27 2.76
N SER A 237 -19.79 1.56 3.07
CA SER A 237 -20.91 2.41 2.68
C SER A 237 -21.06 2.61 1.17
N LEU A 238 -19.94 2.95 0.52
CA LEU A 238 -19.84 2.98 -0.95
C LEU A 238 -20.33 1.69 -1.64
N SER A 239 -19.83 0.53 -1.19
CA SER A 239 -20.12 -0.77 -1.83
C SER A 239 -21.49 -1.43 -1.52
N PHE A 240 -22.12 -1.04 -0.41
CA PHE A 240 -23.50 -1.47 -0.09
C PHE A 240 -24.47 -1.09 -1.22
N GLN A 241 -24.25 0.09 -1.81
CA GLN A 241 -25.06 0.57 -2.92
C GLN A 241 -24.70 -0.22 -4.20
N PRO A 242 -25.63 -1.04 -4.67
CA PRO A 242 -25.36 -1.99 -5.74
C PRO A 242 -24.91 -1.34 -7.03
N GLU A 243 -25.24 -0.07 -7.25
CA GLU A 243 -24.81 0.61 -8.47
C GLU A 243 -23.36 1.13 -8.45
N ASN A 244 -22.82 1.31 -7.23
CA ASN A 244 -21.40 1.61 -7.05
C ASN A 244 -20.57 0.35 -7.15
N SER A 245 -21.05 -0.70 -6.50
CA SER A 245 -20.40 -1.99 -6.50
C SER A 245 -20.23 -2.53 -7.92
N MET A 246 -21.22 -2.25 -8.74
CA MET A 246 -21.20 -2.53 -10.17
C MET A 246 -19.98 -1.89 -10.87
N LYS A 247 -19.48 -0.78 -10.33
CA LYS A 247 -18.35 -0.09 -10.93
C LYS A 247 -16.99 -0.59 -10.45
N LEU A 248 -16.98 -1.51 -9.49
CA LEU A 248 -15.73 -2.06 -8.99
C LEU A 248 -15.24 -3.24 -9.82
N THR A 249 -14.08 -3.78 -9.46
CA THR A 249 -13.57 -4.98 -10.11
C THR A 249 -13.85 -6.16 -9.20
N PRO A 250 -13.83 -7.38 -9.73
CA PRO A 250 -13.94 -8.60 -8.91
C PRO A 250 -12.80 -8.74 -7.88
N LEU A 251 -11.58 -8.31 -8.20
CA LEU A 251 -10.48 -8.44 -7.23
C LEU A 251 -10.69 -7.48 -6.04
N VAL A 252 -11.12 -6.25 -6.33
CA VAL A 252 -11.46 -5.28 -5.29
C VAL A 252 -12.61 -5.81 -4.41
N LEU A 253 -13.63 -6.42 -5.01
CA LEU A 253 -14.70 -7.00 -4.17
C LEU A 253 -14.17 -8.10 -3.25
N GLU A 254 -13.40 -9.01 -3.82
CA GLU A 254 -12.74 -10.08 -3.06
C GLU A 254 -11.86 -9.62 -1.90
N VAL A 255 -10.95 -8.68 -2.18
CA VAL A 255 -10.04 -8.18 -1.16
C VAL A 255 -10.68 -7.24 -0.13
N PHE A 256 -11.34 -6.17 -0.62
CA PHE A 256 -11.92 -5.14 0.27
C PHE A 256 -13.28 -5.56 0.84
N GLY A 257 -13.99 -6.46 0.16
CA GLY A 257 -15.34 -6.84 0.60
C GLY A 257 -16.45 -6.68 -0.43
N ASN A 258 -17.48 -7.53 -0.25
CA ASN A 258 -18.62 -7.68 -1.16
C ASN A 258 -19.84 -8.06 -0.30
N GLU A 259 -20.14 -7.23 0.69
CA GLU A 259 -21.35 -7.37 1.49
C GLU A 259 -22.34 -6.38 0.89
N ILE A 260 -22.97 -6.73 -0.24
CA ILE A 260 -23.87 -5.75 -0.89
C ILE A 260 -25.37 -6.13 -0.92
N LYS B 1 -14.36 -16.19 4.10
CA LYS B 1 -13.31 -16.87 3.27
C LYS B 1 -13.80 -17.12 1.83
N ASN B 2 -13.10 -17.99 1.10
CA ASN B 2 -13.24 -18.10 -0.34
C ASN B 2 -12.59 -16.87 -0.98
N HIS B 3 -11.27 -16.95 -1.25
CA HIS B 3 -10.53 -15.85 -1.90
C HIS B 3 -9.72 -16.35 -3.06
N PRO B 4 -10.40 -16.88 -4.07
CA PRO B 4 -9.76 -17.58 -5.18
C PRO B 4 -8.81 -16.74 -6.03
N MET B 5 -9.13 -15.48 -6.23
CA MET B 5 -8.27 -14.60 -7.04
C MET B 5 -6.98 -14.24 -6.27
N LEU B 6 -7.12 -13.85 -5.00
CA LEU B 6 -5.98 -13.57 -4.13
C LEU B 6 -5.07 -14.79 -4.04
N MET B 7 -5.66 -15.94 -3.74
CA MET B 7 -4.95 -17.22 -3.78
C MET B 7 -4.17 -17.44 -5.08
N ASN B 8 -4.85 -17.36 -6.21
CA ASN B 8 -4.16 -17.57 -7.51
C ASN B 8 -2.91 -16.71 -7.67
N LEU B 9 -3.03 -15.41 -7.35
CA LEU B 9 -1.92 -14.44 -7.50
C LEU B 9 -0.75 -14.74 -6.57
N LEU B 10 -1.03 -15.49 -5.50
CA LEU B 10 -0.06 -15.89 -4.48
C LEU B 10 0.80 -17.09 -4.88
N LYS B 11 0.24 -17.99 -5.69
CA LYS B 11 1.02 -19.05 -6.34
C LYS B 11 0.27 -19.62 -7.53
O3 VD2 C . -12.54 2.57 -2.09
C25 VD2 C . -12.05 2.64 -3.40
C27 VD2 C . -12.08 1.19 -3.99
C26 VD2 C . -12.86 3.58 -4.27
C24 VD2 C . -10.61 3.06 -3.38
C23 VD2 C . -10.24 4.42 -3.12
C22 VD2 C . -8.80 4.53 -2.67
C20 VD2 C . -8.37 6.01 -2.47
C21 VD2 C . -8.82 6.43 -0.98
C17 VD2 C . -6.79 6.28 -2.48
C16 VD2 C . -5.77 5.23 -1.84
C13 VD2 C . -6.26 6.49 -3.90
C18 VD2 C . -6.45 5.26 -5.03
C14 VD2 C . -4.73 6.85 -3.47
C15 VD2 C . -4.36 5.67 -2.37
C12 VD2 C . -6.76 7.79 -4.72
C11 VD2 C . -5.83 8.15 -6.01
C9 VD2 C . -4.36 8.42 -5.49
C8 VD2 C . -3.92 7.07 -4.73
C7 VD2 C . -3.01 6.25 -5.16
C6 VD2 C . -2.20 6.45 -6.40
C5 VD2 C . -1.37 5.53 -7.03
C10 VD2 C . -1.24 4.08 -6.57
C4 VD2 C . -0.57 5.89 -8.27
C3 VD2 C . 0.86 5.25 -8.25
O2 VD2 C . 1.63 5.77 -7.15
C2 VD2 C . 0.72 3.66 -8.07
C28 VD2 C . 0.22 2.68 -9.16
C1 VD2 C . 0.13 3.34 -6.68
O1 VD2 C . -0.05 1.90 -6.54
#